data_5PAH
#
_entry.id   5PAH
#
_cell.length_a   66.842
_cell.length_b   109.166
_cell.length_c   125.795
_cell.angle_alpha   90.00
_cell.angle_beta   90.00
_cell.angle_gamma   90.00
#
_symmetry.space_group_name_H-M   'C 2 2 21'
#
loop_
_entity.id
_entity.type
_entity.pdbx_description
1 polymer 'PHENYLALANINE 4-MONOOXYGENASE'
2 non-polymer 'FE (III) ION'
3 non-polymer L-DOPAMINE
4 water water
#
_entity_poly.entity_id   1
_entity_poly.type   'polypeptide(L)'
_entity_poly.pdbx_seq_one_letter_code
;TVPWFPRTIQELDRFANQILSYGAELDADHPGFKDPVYRARRKQFADIAYNYRHGQPIPRVEYMEEEKKTWGTVFKTLKS
LYKTHACYEYNHIFPLLEKYCGFHEDNIPQLEDVSQFLQTCTGFRLRPVAGLLSSRDFLGGLAFRVFHCTQYIRHGSKPM
YTPEPDICHELLGHVPLFSDRSFAQFSQEIGLASLGAPDEYIEKLATIYWFTVEFGLCKQGDSIKAYGAGLLSSFGELQY
CLSEKPKLLPLELEKTAIQNYTVTEFQPLYYVAESFNDAKEKVRNFAATIPRPFSVRYDPYTQRIEVL
;
_entity_poly.pdbx_strand_id   A
#
loop_
_chem_comp.id
_chem_comp.type
_chem_comp.name
_chem_comp.formula
FE non-polymer 'FE (III) ION' 'Fe 3'
LDP non-polymer L-DOPAMINE 'C8 H11 N O2'
#
# COMPACT_ATOMS: atom_id res chain seq x y z
N THR A 1 5.86 25.28 14.59
CA THR A 1 7.06 25.21 13.68
C THR A 1 6.99 23.98 12.75
N VAL A 2 7.85 23.93 11.73
CA VAL A 2 7.86 22.81 10.78
C VAL A 2 7.89 21.47 11.52
N PRO A 3 6.95 20.60 11.17
CA PRO A 3 6.94 19.30 11.82
C PRO A 3 8.14 18.43 11.44
N TRP A 4 8.67 17.69 12.39
CA TRP A 4 9.79 16.80 12.17
C TRP A 4 9.48 15.77 11.08
N PHE A 5 10.51 15.38 10.32
CA PHE A 5 10.41 14.31 9.31
C PHE A 5 11.77 13.68 9.23
N PRO A 6 11.84 12.41 8.89
CA PRO A 6 13.11 11.69 8.79
C PRO A 6 13.99 12.22 7.67
N ARG A 7 15.28 12.32 7.96
CA ARG A 7 16.23 12.76 6.93
C ARG A 7 17.12 11.65 6.31
N THR A 8 17.16 10.49 6.96
CA THR A 8 17.91 9.35 6.44
C THR A 8 16.91 8.17 6.53
N ILE A 9 17.19 7.11 5.78
CA ILE A 9 16.30 5.97 5.76
C ILE A 9 16.28 5.27 7.12
N GLN A 10 17.35 5.37 7.88
CA GLN A 10 17.35 4.71 9.19
C GLN A 10 16.45 5.43 10.18
N GLU A 11 16.25 6.72 10.02
CA GLU A 11 15.38 7.42 10.97
C GLU A 11 13.94 6.90 10.86
N LEU A 12 13.60 6.12 9.84
CA LEU A 12 12.24 5.57 9.79
C LEU A 12 12.00 4.69 11.03
N ASP A 13 13.07 4.22 11.64
CA ASP A 13 12.92 3.40 12.86
C ASP A 13 12.15 4.13 13.94
N ARG A 14 12.15 5.44 13.88
CA ARG A 14 11.46 6.21 14.88
C ARG A 14 9.92 6.10 14.84
N PHE A 15 9.33 5.53 13.76
CA PHE A 15 7.86 5.34 13.63
C PHE A 15 7.21 4.30 14.56
N ALA A 16 7.95 3.23 14.90
CA ALA A 16 7.41 2.19 15.76
C ALA A 16 6.81 2.71 17.07
N ASN A 17 7.37 3.80 17.59
CA ASN A 17 6.87 4.35 18.85
C ASN A 17 5.83 5.44 18.55
N GLN A 18 5.07 5.27 17.47
CA GLN A 18 4.10 6.27 17.10
C GLN A 18 2.90 5.70 16.39
N ILE A 19 2.65 4.42 16.58
CA ILE A 19 1.48 3.79 16.00
C ILE A 19 0.27 3.79 16.99
N LEU A 20 -0.92 3.55 16.44
CA LEU A 20 -2.11 3.43 17.23
C LEU A 20 -1.95 2.09 17.96
N SER A 21 -1.86 2.11 19.29
CA SER A 21 -1.68 0.88 20.11
C SER A 21 -2.88 0.00 20.31
N TYR A 22 -4.07 0.50 20.09
CA TYR A 22 -5.28 -0.29 20.28
C TYR A 22 -5.96 -0.49 18.92
N GLY A 23 -5.49 -1.54 18.25
CA GLY A 23 -5.93 -1.90 16.93
C GLY A 23 -7.28 -2.56 16.73
N ALA A 24 -7.68 -2.62 15.46
CA ALA A 24 -8.95 -3.17 15.04
C ALA A 24 -9.30 -4.54 15.59
N GLU A 25 -8.32 -5.41 15.88
CA GLU A 25 -8.67 -6.75 16.36
C GLU A 25 -9.18 -6.67 17.79
N LEU A 26 -9.07 -5.49 18.41
CA LEU A 26 -9.59 -5.36 19.74
C LEU A 26 -11.05 -4.95 19.71
N ASP A 27 -11.63 -4.68 18.54
CA ASP A 27 -13.03 -4.24 18.48
C ASP A 27 -13.96 -5.44 18.44
N ALA A 28 -15.10 -5.36 19.13
CA ALA A 28 -16.07 -6.46 19.26
C ALA A 28 -16.62 -6.85 17.90
N ASP A 29 -16.54 -5.90 17.04
CA ASP A 29 -16.95 -6.03 15.69
C ASP A 29 -15.98 -6.89 14.76
N HIS A 30 -14.70 -6.98 15.13
CA HIS A 30 -13.74 -7.72 14.32
C HIS A 30 -14.07 -9.23 14.20
N PRO A 31 -13.94 -9.82 13.01
CA PRO A 31 -14.20 -11.24 12.78
C PRO A 31 -13.43 -12.15 13.72
N GLY A 32 -12.28 -11.70 14.24
CA GLY A 32 -11.46 -12.54 15.13
C GLY A 32 -11.46 -12.16 16.61
N PHE A 33 -12.36 -11.25 16.94
CA PHE A 33 -12.48 -10.75 18.29
C PHE A 33 -12.68 -11.78 19.41
N LYS A 34 -13.56 -12.75 19.22
CA LYS A 34 -13.75 -13.71 20.32
C LYS A 34 -12.75 -14.88 20.28
N ASP A 35 -11.83 -14.89 19.33
CA ASP A 35 -10.88 -15.98 19.15
C ASP A 35 -9.51 -15.65 19.82
N PRO A 36 -9.25 -16.25 21.02
CA PRO A 36 -7.99 -15.95 21.71
C PRO A 36 -6.72 -16.38 21.01
N VAL A 37 -6.79 -17.39 20.16
CA VAL A 37 -5.62 -17.81 19.44
C VAL A 37 -5.27 -16.71 18.41
N TYR A 38 -6.27 -16.24 17.71
CA TYR A 38 -6.08 -15.19 16.69
C TYR A 38 -5.50 -13.96 17.40
N ARG A 39 -6.10 -13.59 18.53
CA ARG A 39 -5.66 -12.45 19.31
C ARG A 39 -4.17 -12.60 19.67
N ALA A 40 -3.75 -13.82 20.11
CA ALA A 40 -2.32 -14.03 20.47
C ALA A 40 -1.41 -13.99 19.22
N ARG A 41 -1.93 -14.53 18.12
CA ARG A 41 -1.15 -14.52 16.88
C ARG A 41 -0.87 -13.05 16.37
N ARG A 42 -1.87 -12.18 16.50
CA ARG A 42 -1.74 -10.77 16.13
C ARG A 42 -0.69 -10.09 16.99
N LYS A 43 -0.65 -10.44 18.28
CA LYS A 43 0.32 -9.84 19.24
C LYS A 43 1.68 -10.26 18.81
N GLN A 44 1.76 -11.51 18.39
CA GLN A 44 3.04 -12.07 17.94
C GLN A 44 3.54 -11.32 16.69
N PHE A 45 2.67 -11.05 15.73
CA PHE A 45 3.14 -10.31 14.57
C PHE A 45 3.49 -8.85 14.95
N ALA A 46 2.73 -8.28 15.89
CA ALA A 46 3.01 -6.92 16.31
C ALA A 46 4.40 -6.84 17.01
N ASP A 47 4.78 -7.86 17.79
CA ASP A 47 6.08 -7.80 18.43
C ASP A 47 7.18 -7.90 17.39
N ILE A 48 6.98 -8.67 16.35
CA ILE A 48 8.00 -8.72 15.29
C ILE A 48 8.20 -7.34 14.66
N ALA A 49 7.09 -6.64 14.35
CA ALA A 49 7.20 -5.33 13.73
C ALA A 49 7.88 -4.33 14.67
N TYR A 50 7.50 -4.34 15.95
CA TYR A 50 8.00 -3.42 16.95
C TYR A 50 9.53 -3.43 17.08
N ASN A 51 10.11 -4.62 17.09
CA ASN A 51 11.53 -4.83 17.27
C ASN A 51 12.34 -4.77 16.03
N TYR A 52 11.70 -4.62 14.86
CA TYR A 52 12.41 -4.60 13.61
C TYR A 52 13.18 -3.27 13.47
N ARG A 53 14.39 -3.35 12.89
CA ARG A 53 15.21 -2.19 12.70
C ARG A 53 15.70 -2.17 11.27
N HIS A 54 15.80 -0.95 10.71
CA HIS A 54 16.22 -0.80 9.32
C HIS A 54 17.48 -1.59 9.05
N GLY A 55 17.60 -2.18 7.87
CA GLY A 55 18.77 -2.97 7.58
C GLY A 55 18.74 -4.46 8.02
N GLN A 56 17.89 -4.86 8.96
CA GLN A 56 17.85 -6.27 9.34
C GLN A 56 16.99 -7.07 8.34
N PRO A 57 17.25 -8.38 8.20
CA PRO A 57 16.40 -9.12 7.26
C PRO A 57 15.02 -9.20 7.99
N ILE A 58 13.91 -9.20 7.26
CA ILE A 58 12.60 -9.28 7.92
C ILE A 58 12.43 -10.71 8.38
N PRO A 59 12.08 -10.95 9.63
CA PRO A 59 11.92 -12.32 10.11
C PRO A 59 10.94 -13.22 9.34
N ARG A 60 11.30 -14.50 9.19
CA ARG A 60 10.46 -15.44 8.53
C ARG A 60 9.56 -16.04 9.59
N VAL A 61 8.34 -16.36 9.18
CA VAL A 61 7.34 -16.89 10.07
C VAL A 61 6.74 -18.15 9.47
N GLU A 62 6.47 -19.12 10.31
CA GLU A 62 5.87 -20.34 9.84
C GLU A 62 4.35 -20.09 10.01
N TYR A 63 3.63 -20.02 8.90
CA TYR A 63 2.21 -19.79 8.99
C TYR A 63 1.52 -21.13 9.31
N MET A 64 0.43 -21.08 10.03
CA MET A 64 -0.34 -22.27 10.36
C MET A 64 -1.16 -22.74 9.15
N GLU A 65 -1.59 -24.00 9.18
CA GLU A 65 -2.39 -24.57 8.08
C GLU A 65 -3.68 -23.78 7.87
N GLU A 66 -4.28 -23.25 8.94
CA GLU A 66 -5.50 -22.50 8.86
C GLU A 66 -5.30 -21.16 8.14
N GLU A 67 -4.14 -20.57 8.34
CA GLU A 67 -3.76 -19.31 7.72
C GLU A 67 -3.49 -19.54 6.23
N LYS A 68 -2.78 -20.63 5.89
CA LYS A 68 -2.49 -20.98 4.50
C LYS A 68 -3.79 -21.25 3.74
N LYS A 69 -4.75 -21.89 4.41
CA LYS A 69 -6.05 -22.15 3.80
C LYS A 69 -6.76 -20.81 3.47
N THR A 70 -6.77 -19.84 4.37
CA THR A 70 -7.37 -18.55 4.07
C THR A 70 -6.66 -17.88 2.87
N TRP A 71 -5.33 -17.89 2.88
CA TRP A 71 -4.57 -17.36 1.79
C TRP A 71 -4.97 -18.00 0.44
N GLY A 72 -4.98 -19.34 0.41
CA GLY A 72 -5.34 -20.08 -0.79
C GLY A 72 -6.71 -19.72 -1.35
N THR A 73 -7.70 -19.60 -0.48
CA THR A 73 -9.04 -19.21 -0.89
C THR A 73 -9.03 -17.83 -1.57
N VAL A 74 -8.40 -16.84 -0.92
CA VAL A 74 -8.33 -15.50 -1.48
C VAL A 74 -7.60 -15.44 -2.84
N PHE A 75 -6.43 -16.06 -2.90
CA PHE A 75 -5.58 -16.16 -4.05
C PHE A 75 -6.34 -16.80 -5.24
N LYS A 76 -6.99 -17.94 -5.02
CA LYS A 76 -7.66 -18.61 -6.17
C LYS A 76 -8.82 -17.83 -6.70
N THR A 77 -9.58 -17.22 -5.81
CA THR A 77 -10.72 -16.49 -6.21
C THR A 77 -10.36 -15.18 -6.96
N LEU A 78 -9.39 -14.42 -6.47
CA LEU A 78 -9.00 -13.22 -7.17
C LEU A 78 -8.25 -13.44 -8.49
N LYS A 79 -7.45 -14.51 -8.54
CA LYS A 79 -6.60 -14.77 -9.69
C LYS A 79 -7.34 -14.82 -11.02
N SER A 80 -8.58 -15.30 -10.99
CA SER A 80 -9.40 -15.43 -12.17
C SER A 80 -9.70 -14.06 -12.79
N LEU A 81 -9.65 -12.98 -12.03
CA LEU A 81 -9.98 -11.67 -12.61
C LEU A 81 -8.85 -10.84 -13.18
N TYR A 82 -7.60 -11.17 -12.84
CA TYR A 82 -6.54 -10.25 -13.28
C TYR A 82 -6.29 -10.08 -14.77
N LYS A 83 -6.41 -11.18 -15.50
CA LYS A 83 -6.15 -11.17 -16.92
C LYS A 83 -7.06 -10.15 -17.61
N THR A 84 -8.28 -9.97 -17.13
CA THR A 84 -9.21 -9.05 -17.82
C THR A 84 -9.39 -7.72 -17.12
N HIS A 85 -9.16 -7.65 -15.81
CA HIS A 85 -9.43 -6.39 -15.07
C HIS A 85 -8.22 -5.58 -14.64
N ALA A 86 -7.06 -6.25 -14.44
CA ALA A 86 -5.84 -5.59 -13.92
C ALA A 86 -5.08 -4.90 -15.05
N CYS A 87 -4.36 -3.80 -14.69
CA CYS A 87 -3.55 -3.06 -15.65
C CYS A 87 -2.39 -3.90 -16.16
N TYR A 88 -1.90 -3.60 -17.33
CA TYR A 88 -0.82 -4.33 -17.95
C TYR A 88 0.42 -4.53 -17.03
N GLU A 89 0.83 -3.48 -16.28
CA GLU A 89 2.00 -3.59 -15.42
C GLU A 89 1.82 -4.73 -14.40
N TYR A 90 0.58 -4.91 -13.90
CA TYR A 90 0.28 -5.97 -12.92
C TYR A 90 0.47 -7.40 -13.55
N ASN A 91 -0.18 -7.60 -14.71
CA ASN A 91 -0.11 -8.89 -15.39
C ASN A 91 1.33 -9.24 -15.88
N HIS A 92 2.09 -8.23 -16.24
CA HIS A 92 3.46 -8.41 -16.74
C HIS A 92 4.34 -9.00 -15.64
N ILE A 93 4.14 -8.51 -14.43
CA ILE A 93 5.01 -8.97 -13.37
C ILE A 93 4.55 -10.21 -12.61
N PHE A 94 3.23 -10.47 -12.62
CA PHE A 94 2.71 -11.58 -11.79
C PHE A 94 3.42 -12.92 -12.00
N PRO A 95 3.68 -13.33 -13.27
CA PRO A 95 4.38 -14.61 -13.46
C PRO A 95 5.74 -14.61 -12.78
N LEU A 96 6.48 -13.49 -12.79
CA LEU A 96 7.73 -13.49 -12.10
C LEU A 96 7.56 -13.66 -10.58
N LEU A 97 6.50 -13.09 -10.00
CA LEU A 97 6.25 -13.26 -8.57
C LEU A 97 5.94 -14.76 -8.28
N GLU A 98 5.17 -15.40 -9.17
CA GLU A 98 4.91 -16.85 -9.04
C GLU A 98 6.23 -17.63 -9.11
N LYS A 99 7.11 -17.33 -10.07
CA LYS A 99 8.36 -18.06 -10.16
C LYS A 99 9.37 -17.76 -9.05
N TYR A 100 9.64 -16.49 -8.75
CA TYR A 100 10.65 -16.22 -7.73
C TYR A 100 10.23 -15.91 -6.34
N CYS A 101 8.97 -15.62 -6.10
CA CYS A 101 8.58 -15.26 -4.74
C CYS A 101 7.66 -16.20 -4.08
N GLY A 102 7.36 -17.26 -4.78
CA GLY A 102 6.48 -18.23 -4.20
C GLY A 102 5.02 -17.87 -4.17
N PHE A 103 4.52 -17.01 -5.07
CA PHE A 103 3.10 -16.66 -5.07
C PHE A 103 2.33 -17.89 -5.59
N HIS A 104 1.72 -18.63 -4.69
CA HIS A 104 1.02 -19.82 -5.14
C HIS A 104 -0.02 -20.05 -4.10
N GLU A 105 -1.02 -20.85 -4.44
CA GLU A 105 -2.16 -21.13 -3.57
C GLU A 105 -1.77 -21.81 -2.27
N ASP A 106 -0.69 -22.59 -2.32
CA ASP A 106 -0.33 -23.36 -1.16
C ASP A 106 0.69 -22.78 -0.24
N ASN A 107 1.19 -21.60 -0.53
CA ASN A 107 2.29 -21.05 0.26
C ASN A 107 2.13 -19.54 0.44
N ILE A 108 2.26 -19.00 1.67
CA ILE A 108 2.24 -17.54 1.86
C ILE A 108 3.64 -17.05 1.68
N PRO A 109 3.90 -16.18 0.69
CA PRO A 109 5.26 -15.64 0.46
C PRO A 109 5.80 -14.95 1.72
N GLN A 110 7.10 -15.04 1.98
CA GLN A 110 7.72 -14.41 3.12
C GLN A 110 8.12 -12.99 2.68
N LEU A 111 7.93 -11.99 3.57
CA LEU A 111 8.22 -10.59 3.23
C LEU A 111 9.65 -10.31 2.80
N GLU A 112 10.60 -10.95 3.45
CA GLU A 112 12.02 -10.78 3.07
C GLU A 112 12.22 -11.17 1.61
N ASP A 113 11.65 -12.29 1.16
CA ASP A 113 11.91 -12.63 -0.26
C ASP A 113 11.23 -11.59 -1.18
N VAL A 114 10.05 -11.14 -0.76
CA VAL A 114 9.36 -10.19 -1.61
C VAL A 114 10.12 -8.87 -1.62
N SER A 115 10.60 -8.44 -0.47
CA SER A 115 11.33 -7.16 -0.42
C SER A 115 12.62 -7.20 -1.32
N GLN A 116 13.35 -8.34 -1.27
CA GLN A 116 14.57 -8.44 -2.06
C GLN A 116 14.21 -8.34 -3.54
N PHE A 117 13.12 -9.02 -3.95
CA PHE A 117 12.67 -8.97 -5.35
C PHE A 117 12.36 -7.49 -5.74
N LEU A 118 11.58 -6.78 -4.92
CA LEU A 118 11.28 -5.38 -5.22
C LEU A 118 12.54 -4.52 -5.33
N GLN A 119 13.48 -4.78 -4.43
CA GLN A 119 14.76 -4.05 -4.45
C GLN A 119 15.46 -4.18 -5.80
N THR A 120 15.43 -5.39 -6.36
CA THR A 120 16.03 -5.62 -7.65
C THR A 120 15.26 -4.96 -8.77
N CYS A 121 13.96 -4.79 -8.59
CA CYS A 121 13.21 -4.14 -9.68
C CYS A 121 13.26 -2.61 -9.66
N THR A 122 13.07 -2.02 -8.48
CA THR A 122 12.97 -0.52 -8.48
C THR A 122 13.62 0.09 -7.20
N GLY A 123 14.19 -0.76 -6.38
CA GLY A 123 14.80 -0.27 -5.16
C GLY A 123 13.78 -0.10 -4.04
N PHE A 124 12.51 -0.51 -4.24
CA PHE A 124 11.52 -0.42 -3.14
C PHE A 124 11.84 -1.51 -2.15
N ARG A 125 11.55 -1.30 -0.90
CA ARG A 125 11.78 -2.37 0.07
C ARG A 125 10.58 -2.37 1.03
N LEU A 126 10.38 -3.46 1.75
CA LEU A 126 9.25 -3.49 2.65
C LEU A 126 9.77 -3.45 4.10
N ARG A 127 8.95 -3.00 5.03
CA ARG A 127 9.28 -3.20 6.44
C ARG A 127 7.94 -3.53 7.07
N PRO A 128 7.94 -4.47 8.03
CA PRO A 128 6.75 -4.93 8.75
C PRO A 128 6.19 -3.85 9.61
N VAL A 129 4.88 -3.74 9.65
CA VAL A 129 4.37 -2.71 10.48
C VAL A 129 3.40 -3.28 11.47
N ALA A 130 3.57 -2.82 12.70
CA ALA A 130 2.76 -3.27 13.82
C ALA A 130 1.26 -3.04 13.55
N GLY A 131 0.83 -1.79 13.69
CA GLY A 131 -0.54 -1.41 13.50
C GLY A 131 -0.62 -0.15 12.63
N LEU A 132 -1.57 0.73 12.94
CA LEU A 132 -1.85 1.93 12.16
C LEU A 132 -0.88 3.06 12.33
N LEU A 133 -0.19 3.42 11.27
CA LEU A 133 0.72 4.55 11.33
C LEU A 133 -0.08 5.80 11.03
N SER A 134 0.36 6.97 11.51
CA SER A 134 -0.33 8.20 11.08
C SER A 134 -0.11 8.39 9.56
N SER A 135 -0.98 9.17 8.91
CA SER A 135 -0.82 9.40 7.46
C SER A 135 0.54 10.04 7.18
N ARG A 136 0.96 10.94 8.06
CA ARG A 136 2.26 11.59 7.91
C ARG A 136 3.44 10.61 7.88
N ASP A 137 3.49 9.65 8.80
CA ASP A 137 4.59 8.69 8.82
C ASP A 137 4.47 7.70 7.68
N PHE A 138 3.26 7.29 7.39
CA PHE A 138 3.06 6.31 6.34
C PHE A 138 3.53 6.90 4.98
N LEU A 139 3.07 8.09 4.63
CA LEU A 139 3.47 8.72 3.39
C LEU A 139 4.97 9.08 3.41
N GLY A 140 5.51 9.55 4.57
CA GLY A 140 6.94 9.86 4.64
C GLY A 140 7.82 8.64 4.20
N GLY A 141 7.43 7.42 4.55
CA GLY A 141 8.24 6.25 4.18
C GLY A 141 8.41 6.12 2.67
N LEU A 142 7.36 6.47 1.93
CA LEU A 142 7.39 6.39 0.49
C LEU A 142 8.49 7.27 -0.13
N ALA A 143 8.82 8.38 0.52
CA ALA A 143 9.90 9.26 -0.01
C ALA A 143 11.22 8.49 -0.17
N PHE A 144 11.42 7.47 0.64
CA PHE A 144 12.62 6.62 0.61
C PHE A 144 12.42 5.32 -0.13
N ARG A 145 11.29 5.19 -0.81
CA ARG A 145 10.90 3.93 -1.47
C ARG A 145 10.80 2.82 -0.46
N VAL A 146 10.19 3.15 0.68
CA VAL A 146 9.95 2.15 1.71
C VAL A 146 8.40 2.00 1.92
N PHE A 147 7.89 0.77 1.72
CA PHE A 147 6.46 0.52 1.94
C PHE A 147 6.24 -0.23 3.29
N HIS A 148 5.63 0.41 4.28
CA HIS A 148 5.21 -0.30 5.52
C HIS A 148 3.94 -1.14 5.10
N CYS A 149 4.33 -2.59 5.50
CA CYS A 149 3.53 -3.72 5.07
C CYS A 149 3.08 -4.59 6.20
N THR A 150 1.80 -4.97 6.25
CA THR A 150 1.34 -5.92 7.32
C THR A 150 1.80 -7.36 7.03
N GLN A 151 2.05 -8.14 8.08
CA GLN A 151 2.56 -9.46 7.91
C GLN A 151 1.51 -10.48 8.42
N TYR A 152 0.51 -10.03 9.17
CA TYR A 152 -0.51 -10.96 9.65
C TYR A 152 -1.59 -11.17 8.58
N ILE A 153 -2.44 -12.18 8.77
CA ILE A 153 -3.49 -12.45 7.85
C ILE A 153 -4.85 -12.25 8.53
N ARG A 154 -5.88 -11.95 7.73
CA ARG A 154 -7.26 -11.84 8.21
C ARG A 154 -7.74 -13.15 8.86
N HIS A 155 -8.77 -13.04 9.69
CA HIS A 155 -9.35 -14.21 10.38
C HIS A 155 -10.00 -15.17 9.38
N GLY A 156 -9.74 -16.48 9.54
CA GLY A 156 -10.26 -17.48 8.62
C GLY A 156 -11.78 -17.62 8.53
N SER A 157 -12.51 -17.09 9.51
CA SER A 157 -13.98 -17.23 9.45
C SER A 157 -14.57 -16.48 8.27
N LYS A 158 -13.90 -15.42 7.76
CA LYS A 158 -14.43 -14.66 6.61
C LYS A 158 -13.34 -14.37 5.63
N PRO A 159 -12.95 -15.37 4.86
CA PRO A 159 -11.86 -15.20 3.90
C PRO A 159 -11.97 -14.10 2.86
N MET A 160 -13.20 -13.71 2.50
CA MET A 160 -13.30 -12.71 1.46
C MET A 160 -13.51 -11.31 2.01
N TYR A 161 -13.28 -11.16 3.31
CA TYR A 161 -13.51 -9.91 3.98
C TYR A 161 -12.44 -9.53 4.98
N THR A 162 -12.03 -8.27 4.91
CA THR A 162 -11.14 -7.80 5.91
C THR A 162 -11.44 -6.29 6.18
N PRO A 163 -11.54 -5.89 7.46
CA PRO A 163 -11.80 -4.48 7.80
C PRO A 163 -10.49 -3.68 7.88
N GLU A 164 -9.39 -4.28 7.43
CA GLU A 164 -8.13 -3.56 7.58
C GLU A 164 -7.18 -4.22 6.59
N PRO A 165 -6.02 -3.62 6.37
CA PRO A 165 -5.08 -4.29 5.45
C PRO A 165 -4.57 -5.52 6.15
N ASP A 166 -4.25 -6.55 5.38
CA ASP A 166 -3.68 -7.74 5.96
C ASP A 166 -2.70 -8.17 4.84
N ILE A 167 -2.04 -9.28 5.02
CA ILE A 167 -1.01 -9.69 4.06
C ILE A 167 -1.51 -9.99 2.63
N CYS A 168 -2.76 -10.49 2.52
CA CYS A 168 -3.34 -10.77 1.21
C CYS A 168 -3.46 -9.43 0.46
N HIS A 169 -3.96 -8.41 1.13
CA HIS A 169 -4.07 -7.10 0.51
C HIS A 169 -2.71 -6.53 0.10
N GLU A 170 -1.69 -6.64 0.96
CA GLU A 170 -0.36 -6.10 0.61
C GLU A 170 0.25 -6.86 -0.60
N LEU A 171 0.23 -8.18 -0.55
CA LEU A 171 0.90 -8.97 -1.62
C LEU A 171 0.17 -9.00 -2.98
N LEU A 172 -1.18 -9.16 -2.96
CA LEU A 172 -1.93 -9.19 -4.19
C LEU A 172 -2.33 -7.78 -4.69
N GLY A 173 -2.45 -6.83 -3.77
CA GLY A 173 -2.86 -5.49 -4.10
C GLY A 173 -1.71 -4.53 -4.38
N HIS A 174 -0.78 -4.35 -3.44
CA HIS A 174 0.30 -3.39 -3.63
C HIS A 174 1.58 -3.80 -4.36
N VAL A 175 2.15 -4.90 -3.86
CA VAL A 175 3.40 -5.36 -4.35
C VAL A 175 3.64 -5.41 -5.83
N PRO A 176 2.67 -5.91 -6.62
CA PRO A 176 2.96 -5.94 -8.04
C PRO A 176 3.19 -4.56 -8.69
N LEU A 177 2.51 -3.52 -8.23
CA LEU A 177 2.68 -2.21 -8.82
C LEU A 177 4.05 -1.60 -8.42
N PHE A 178 4.48 -1.87 -7.20
CA PHE A 178 5.79 -1.34 -6.79
C PHE A 178 6.97 -1.93 -7.62
N SER A 179 6.71 -2.90 -8.50
CA SER A 179 7.74 -3.49 -9.35
C SER A 179 7.91 -2.69 -10.58
N ASP A 180 6.98 -1.79 -10.83
CA ASP A 180 7.05 -0.98 -12.05
C ASP A 180 7.75 0.35 -11.73
N ARG A 181 8.74 0.69 -12.58
CA ARG A 181 9.52 1.89 -12.38
C ARG A 181 8.73 3.18 -12.40
N SER A 182 7.86 3.35 -13.38
CA SER A 182 7.06 4.57 -13.36
C SER A 182 6.14 4.64 -12.14
N PHE A 183 5.47 3.55 -11.74
CA PHE A 183 4.57 3.60 -10.56
C PHE A 183 5.44 3.95 -9.32
N ALA A 184 6.66 3.39 -9.30
CA ALA A 184 7.57 3.59 -8.16
C ALA A 184 7.91 5.05 -8.04
N GLN A 185 8.24 5.69 -9.15
CA GLN A 185 8.56 7.15 -9.13
C GLN A 185 7.29 7.95 -8.69
N PHE A 186 6.14 7.59 -9.27
CA PHE A 186 4.90 8.25 -8.87
C PHE A 186 4.64 8.19 -7.32
N SER A 187 4.72 6.99 -6.70
CA SER A 187 4.49 6.80 -5.26
C SER A 187 5.46 7.65 -4.45
N GLN A 188 6.73 7.62 -4.88
CA GLN A 188 7.77 8.35 -4.20
C GLN A 188 7.51 9.88 -4.22
N GLU A 189 6.97 10.37 -5.32
CA GLU A 189 6.66 11.81 -5.42
C GLU A 189 5.61 12.20 -4.35
N ILE A 190 4.66 11.30 -4.08
CA ILE A 190 3.67 11.58 -3.07
C ILE A 190 4.41 11.70 -1.72
N GLY A 191 5.28 10.73 -1.44
CA GLY A 191 6.02 10.81 -0.20
C GLY A 191 6.87 12.06 -0.04
N LEU A 192 7.49 12.49 -1.14
CA LEU A 192 8.36 13.66 -1.05
C LEU A 192 7.56 14.95 -0.79
N ALA A 193 6.36 15.03 -1.40
CA ALA A 193 5.46 16.18 -1.20
C ALA A 193 5.02 16.23 0.27
N SER A 194 4.97 15.08 0.92
CA SER A 194 4.50 15.06 2.31
C SER A 194 5.51 15.55 3.38
N LEU A 195 6.80 15.48 3.08
CA LEU A 195 7.80 15.82 4.11
C LEU A 195 7.71 17.28 4.65
N GLY A 196 7.44 17.39 5.96
CA GLY A 196 7.33 18.71 6.58
C GLY A 196 6.13 19.52 6.15
N ALA A 197 5.17 18.92 5.47
CA ALA A 197 3.97 19.62 5.05
C ALA A 197 3.05 19.82 6.26
N PRO A 198 2.28 20.90 6.28
CA PRO A 198 1.32 21.17 7.37
C PRO A 198 0.22 20.04 7.39
N ASP A 199 -0.33 19.76 8.55
CA ASP A 199 -1.32 18.69 8.70
C ASP A 199 -2.46 18.78 7.72
N GLU A 200 -2.99 19.97 7.48
CA GLU A 200 -4.10 20.01 6.58
C GLU A 200 -3.71 19.54 5.17
N TYR A 201 -2.45 19.70 4.76
CA TYR A 201 -2.05 19.16 3.44
C TYR A 201 -1.75 17.70 3.43
N ILE A 202 -1.33 17.17 4.58
CA ILE A 202 -1.07 15.73 4.73
C ILE A 202 -2.41 15.04 4.41
N GLU A 203 -3.52 15.58 4.93
CA GLU A 203 -4.85 14.98 4.68
C GLU A 203 -5.24 15.02 3.19
N LYS A 204 -4.83 16.10 2.52
CA LYS A 204 -5.06 16.20 1.07
C LYS A 204 -4.24 15.12 0.31
N LEU A 205 -2.97 14.95 0.70
CA LEU A 205 -2.16 13.93 0.05
C LEU A 205 -2.68 12.49 0.38
N ALA A 206 -3.18 12.26 1.58
CA ALA A 206 -3.71 10.96 1.98
C ALA A 206 -4.95 10.70 1.10
N THR A 207 -5.74 11.76 0.82
CA THR A 207 -6.94 11.58 -0.03
C THR A 207 -6.47 11.30 -1.49
N ILE A 208 -5.43 12.00 -1.93
CA ILE A 208 -4.93 11.73 -3.29
C ILE A 208 -4.42 10.25 -3.35
N TYR A 209 -3.73 9.85 -2.29
CA TYR A 209 -3.23 8.48 -2.19
C TYR A 209 -4.37 7.44 -2.28
N TRP A 210 -5.45 7.71 -1.57
CA TRP A 210 -6.60 6.85 -1.58
C TRP A 210 -7.23 6.67 -2.97
N PHE A 211 -7.32 7.78 -3.73
CA PHE A 211 -7.90 7.74 -5.08
C PHE A 211 -6.95 7.28 -6.22
N THR A 212 -5.71 6.98 -5.85
CA THR A 212 -4.74 6.53 -6.85
C THR A 212 -4.16 5.14 -6.40
N VAL A 213 -3.17 5.17 -5.52
CA VAL A 213 -2.56 3.92 -5.02
C VAL A 213 -3.61 2.90 -4.49
N GLU A 214 -4.65 3.34 -3.80
CA GLU A 214 -5.63 2.37 -3.28
C GLU A 214 -6.77 2.07 -4.19
N PHE A 215 -7.37 3.14 -4.79
CA PHE A 215 -8.53 2.94 -5.67
C PHE A 215 -8.46 3.48 -7.12
N GLY A 216 -7.24 3.64 -7.65
CA GLY A 216 -7.06 4.18 -8.97
C GLY A 216 -7.41 3.25 -10.13
N LEU A 217 -7.94 3.90 -11.18
CA LEU A 217 -8.23 3.33 -12.49
C LEU A 217 -7.23 4.02 -13.43
N CYS A 218 -6.79 3.30 -14.46
CA CYS A 218 -5.87 3.89 -15.40
C CYS A 218 -6.27 3.60 -16.83
N LYS A 219 -5.99 4.55 -17.71
CA LYS A 219 -6.28 4.46 -19.17
C LYS A 219 -5.20 3.52 -19.78
N GLN A 220 -5.59 2.60 -20.65
CA GLN A 220 -4.62 1.67 -21.25
C GLN A 220 -5.15 1.33 -22.67
N GLY A 221 -4.46 1.83 -23.69
CA GLY A 221 -4.93 1.67 -25.07
C GLY A 221 -6.22 2.47 -25.09
N ASP A 222 -7.31 1.88 -25.59
CA ASP A 222 -8.55 2.60 -25.55
C ASP A 222 -9.38 2.05 -24.44
N SER A 223 -8.75 1.27 -23.54
CA SER A 223 -9.53 0.67 -22.45
C SER A 223 -9.22 1.30 -21.09
N ILE A 224 -9.89 0.81 -20.06
CA ILE A 224 -9.69 1.31 -18.68
C ILE A 224 -9.35 0.04 -17.84
N LYS A 225 -8.36 0.13 -16.94
CA LYS A 225 -7.97 -1.01 -16.09
C LYS A 225 -7.73 -0.56 -14.64
N ALA A 226 -7.79 -1.53 -13.70
CA ALA A 226 -7.55 -1.22 -12.28
C ALA A 226 -6.08 -1.34 -11.93
N TYR A 227 -5.63 -0.43 -11.10
CA TYR A 227 -4.26 -0.53 -10.62
C TYR A 227 -4.29 -0.26 -9.09
N GLY A 228 -5.41 0.19 -8.52
CA GLY A 228 -5.51 0.46 -7.09
C GLY A 228 -5.49 -0.84 -6.28
N ALA A 229 -4.65 -0.85 -5.24
CA ALA A 229 -4.46 -2.02 -4.40
C ALA A 229 -5.75 -2.49 -3.73
N GLY A 230 -6.56 -1.55 -3.32
CA GLY A 230 -7.81 -1.90 -2.68
C GLY A 230 -8.78 -2.54 -3.69
N LEU A 231 -8.65 -2.26 -4.98
CA LEU A 231 -9.54 -2.87 -5.96
C LEU A 231 -8.99 -4.26 -6.30
N LEU A 232 -7.66 -4.32 -6.48
CA LEU A 232 -6.99 -5.53 -6.89
C LEU A 232 -7.06 -6.66 -5.80
N SER A 233 -7.44 -6.29 -4.56
CA SER A 233 -7.51 -7.32 -3.50
C SER A 233 -8.96 -7.50 -3.05
N SER A 234 -9.90 -6.94 -3.79
CA SER A 234 -11.30 -7.05 -3.44
C SER A 234 -12.13 -7.64 -4.61
N PHE A 235 -12.54 -8.90 -4.45
CA PHE A 235 -13.24 -9.58 -5.55
C PHE A 235 -14.46 -8.88 -6.09
N GLY A 236 -15.24 -8.36 -5.16
CA GLY A 236 -16.45 -7.74 -5.59
C GLY A 236 -16.26 -6.36 -6.18
N GLU A 237 -15.39 -5.56 -5.58
CA GLU A 237 -15.24 -4.20 -6.08
C GLU A 237 -14.42 -4.20 -7.39
N LEU A 238 -13.54 -5.18 -7.58
CA LEU A 238 -12.77 -5.20 -8.83
C LEU A 238 -13.74 -5.37 -10.06
N GLN A 239 -14.74 -6.24 -9.91
CA GLN A 239 -15.74 -6.47 -10.96
C GLN A 239 -16.63 -5.25 -11.10
N TYR A 240 -17.02 -4.68 -10.00
CA TYR A 240 -17.88 -3.50 -10.01
C TYR A 240 -17.25 -2.25 -10.64
N CYS A 241 -15.93 -2.01 -10.36
CA CYS A 241 -15.31 -0.76 -10.83
C CYS A 241 -15.20 -0.63 -12.35
N LEU A 242 -15.24 -1.75 -13.07
CA LEU A 242 -15.16 -1.73 -14.54
C LEU A 242 -16.55 -1.99 -15.21
N SER A 243 -17.62 -1.88 -14.42
CA SER A 243 -18.97 -2.01 -14.94
C SER A 243 -19.52 -0.60 -15.22
N GLU A 244 -20.78 -0.52 -15.60
CA GLU A 244 -21.36 0.79 -15.95
C GLU A 244 -21.82 1.55 -14.74
N LYS A 245 -21.85 0.94 -13.57
CA LYS A 245 -22.37 1.64 -12.38
C LYS A 245 -21.61 2.85 -11.80
N PRO A 246 -20.29 2.75 -11.53
CA PRO A 246 -19.58 3.91 -10.97
C PRO A 246 -19.41 5.13 -11.88
N LYS A 247 -19.29 6.30 -11.26
CA LYS A 247 -19.02 7.49 -12.08
C LYS A 247 -17.51 7.61 -12.23
N LEU A 248 -17.05 7.84 -13.45
CA LEU A 248 -15.60 8.00 -13.68
C LEU A 248 -15.22 9.45 -14.03
N LEU A 249 -14.18 9.98 -13.39
CA LEU A 249 -13.71 11.34 -13.65
C LEU A 249 -12.24 11.35 -13.89
N PRO A 250 -11.79 12.30 -14.71
CA PRO A 250 -10.34 12.39 -14.99
C PRO A 250 -9.62 12.82 -13.69
N LEU A 251 -8.43 12.29 -13.47
CA LEU A 251 -7.67 12.66 -12.31
C LEU A 251 -7.27 14.17 -12.43
N GLU A 252 -7.74 14.98 -11.50
CA GLU A 252 -7.43 16.45 -11.41
C GLU A 252 -7.17 16.68 -9.92
N LEU A 253 -5.91 16.88 -9.53
CA LEU A 253 -5.60 16.90 -8.10
C LEU A 253 -6.28 17.88 -7.18
N GLU A 254 -6.52 19.08 -7.70
CA GLU A 254 -7.15 20.15 -6.92
C GLU A 254 -8.55 19.64 -6.50
N LYS A 255 -9.15 18.86 -7.36
CA LYS A 255 -10.47 18.34 -7.17
C LYS A 255 -10.37 16.97 -6.34
N THR A 256 -9.52 16.07 -6.80
CA THR A 256 -9.37 14.82 -6.12
C THR A 256 -8.97 15.02 -4.65
N ALA A 257 -8.10 15.99 -4.38
CA ALA A 257 -7.62 16.25 -3.02
C ALA A 257 -8.70 16.55 -1.95
N ILE A 258 -9.86 17.04 -2.37
CA ILE A 258 -10.87 17.35 -1.38
C ILE A 258 -12.11 16.46 -1.48
N GLN A 259 -12.09 15.49 -2.38
CA GLN A 259 -13.20 14.59 -2.53
C GLN A 259 -13.43 13.70 -1.29
N ASN A 260 -14.67 13.54 -0.86
CA ASN A 260 -14.98 12.69 0.29
C ASN A 260 -15.11 11.24 -0.19
N TYR A 261 -14.85 10.29 0.70
CA TYR A 261 -14.98 8.90 0.32
C TYR A 261 -15.40 8.11 1.51
N THR A 262 -15.92 6.91 1.31
CA THR A 262 -16.23 6.10 2.46
C THR A 262 -15.39 4.86 2.44
N VAL A 263 -15.08 4.29 3.59
CA VAL A 263 -14.26 3.08 3.57
C VAL A 263 -15.12 1.84 3.69
N THR A 264 -16.41 2.02 3.90
CA THR A 264 -17.19 0.83 4.06
C THR A 264 -17.99 0.26 2.88
N GLU A 265 -18.29 0.99 1.82
CA GLU A 265 -19.03 0.34 0.74
C GLU A 265 -18.15 0.51 -0.47
N PHE A 266 -18.63 0.06 -1.62
CA PHE A 266 -17.94 0.27 -2.89
C PHE A 266 -17.93 1.79 -3.16
N GLN A 267 -16.81 2.27 -3.73
CA GLN A 267 -16.73 3.68 -4.10
C GLN A 267 -17.75 4.06 -5.20
N PRO A 268 -18.52 5.15 -4.99
CA PRO A 268 -19.51 5.66 -5.96
C PRO A 268 -18.80 6.30 -7.16
N LEU A 269 -17.56 6.73 -6.94
CA LEU A 269 -16.80 7.39 -7.96
C LEU A 269 -15.27 7.07 -7.93
N TYR A 270 -14.65 7.02 -9.11
CA TYR A 270 -13.21 6.76 -9.22
C TYR A 270 -12.58 7.77 -10.14
N TYR A 271 -11.29 8.06 -9.91
CA TYR A 271 -10.52 8.91 -10.78
C TYR A 271 -9.65 8.08 -11.70
N VAL A 272 -9.58 8.50 -12.98
CA VAL A 272 -8.83 7.77 -13.99
C VAL A 272 -7.54 8.48 -14.34
N ALA A 273 -6.42 7.80 -14.20
CA ALA A 273 -5.15 8.41 -14.57
C ALA A 273 -4.82 8.07 -16.04
N GLU A 274 -4.13 8.98 -16.70
CA GLU A 274 -3.71 8.79 -18.09
C GLU A 274 -2.58 7.83 -18.15
N SER A 275 -1.69 7.87 -17.14
CA SER A 275 -0.52 6.95 -17.02
C SER A 275 0.10 7.37 -15.70
N PHE A 276 1.02 6.55 -15.22
CA PHE A 276 1.69 6.84 -13.96
C PHE A 276 2.66 8.02 -14.11
N ASN A 277 3.24 8.17 -15.32
CA ASN A 277 4.16 9.27 -15.55
C ASN A 277 3.39 10.56 -15.47
N ASP A 278 2.21 10.55 -16.04
CA ASP A 278 1.43 11.77 -16.00
C ASP A 278 0.97 12.05 -14.58
N ALA A 279 0.54 11.02 -13.87
CA ALA A 279 0.09 11.26 -12.50
C ALA A 279 1.26 11.81 -11.68
N LYS A 280 2.47 11.30 -11.95
CA LYS A 280 3.63 11.74 -11.24
C LYS A 280 3.86 13.25 -11.43
N GLU A 281 3.68 13.70 -12.68
CA GLU A 281 3.82 15.12 -13.01
C GLU A 281 2.81 15.96 -12.26
N LYS A 282 1.57 15.50 -12.21
CA LYS A 282 0.53 16.23 -11.51
C LYS A 282 0.85 16.34 -10.01
N VAL A 283 1.43 15.29 -9.42
CA VAL A 283 1.78 15.39 -8.00
C VAL A 283 2.89 16.42 -7.77
N ARG A 284 3.90 16.40 -8.63
CA ARG A 284 5.01 17.34 -8.54
C ARG A 284 4.46 18.80 -8.67
N ASN A 285 3.49 19.02 -9.54
CA ASN A 285 2.95 20.36 -9.65
C ASN A 285 2.15 20.72 -8.42
N PHE A 286 1.36 19.75 -7.93
CA PHE A 286 0.57 19.99 -6.73
C PHE A 286 1.51 20.27 -5.54
N ALA A 287 2.61 19.55 -5.45
CA ALA A 287 3.54 19.74 -4.29
C ALA A 287 4.11 21.18 -4.21
N ALA A 288 4.26 21.79 -5.38
CA ALA A 288 4.75 23.17 -5.50
C ALA A 288 3.82 24.12 -4.79
N THR A 289 2.54 23.81 -4.65
CA THR A 289 1.61 24.72 -3.97
C THR A 289 1.54 24.49 -2.46
N ILE A 290 2.23 23.49 -1.95
CA ILE A 290 2.19 23.25 -0.51
C ILE A 290 3.13 24.25 0.18
N PRO A 291 2.58 24.99 1.11
CA PRO A 291 3.45 25.96 1.80
C PRO A 291 4.56 25.36 2.68
N ARG A 292 5.75 25.16 2.15
CA ARG A 292 6.85 24.69 2.99
C ARG A 292 7.97 25.70 2.80
N PRO A 293 8.70 26.05 3.85
CA PRO A 293 9.77 27.03 3.67
C PRO A 293 11.02 26.38 3.13
N PHE A 294 10.88 25.34 2.31
CA PHE A 294 12.06 24.68 1.77
C PHE A 294 11.68 23.69 0.70
N SER A 295 12.71 23.04 0.17
CA SER A 295 12.53 22.08 -0.92
C SER A 295 13.24 20.78 -0.56
N VAL A 296 12.80 19.66 -1.09
CA VAL A 296 13.46 18.37 -0.80
C VAL A 296 13.84 17.56 -2.03
N ARG A 297 14.89 16.76 -1.86
CA ARG A 297 15.39 15.90 -2.93
C ARG A 297 15.89 14.65 -2.28
N TYR A 298 15.65 13.52 -2.89
CA TYR A 298 16.15 12.31 -2.33
C TYR A 298 17.49 11.97 -3.02
N ASP A 299 18.51 11.53 -2.27
CA ASP A 299 19.78 11.15 -2.92
C ASP A 299 19.88 9.65 -2.71
N PRO A 300 19.56 8.87 -3.79
CA PRO A 300 19.59 7.41 -3.70
C PRO A 300 20.98 6.82 -3.41
N TYR A 301 22.05 7.58 -3.68
CA TYR A 301 23.38 7.08 -3.40
C TYR A 301 23.64 7.02 -1.92
N THR A 302 23.16 7.99 -1.13
CA THR A 302 23.43 7.92 0.31
C THR A 302 22.17 7.67 1.12
N GLN A 303 21.03 7.56 0.45
CA GLN A 303 19.76 7.34 1.13
C GLN A 303 19.41 8.43 2.16
N ARG A 304 19.56 9.68 1.75
CA ARG A 304 19.26 10.80 2.63
C ARG A 304 18.46 11.81 1.83
N ILE A 305 17.68 12.61 2.54
CA ILE A 305 16.93 13.67 1.93
C ILE A 305 17.79 14.96 2.00
N GLU A 306 17.86 15.72 0.92
CA GLU A 306 18.62 16.97 0.95
C GLU A 306 17.58 18.04 1.08
N VAL A 307 17.73 18.95 2.04
CA VAL A 307 16.78 20.04 2.22
C VAL A 307 17.42 21.27 1.57
N LEU A 308 16.79 21.78 0.53
CA LEU A 308 17.25 22.94 -0.22
C LEU A 308 16.42 24.12 0.30
FE FE B . -3.28 -0.64 1.14
C7 LDP C . -5.36 2.94 6.46
C1 LDP C . -4.54 2.43 5.19
C4 LDP C . -2.93 1.60 2.86
C2 LDP C . -4.95 1.23 4.41
C6 LDP C . -3.31 3.18 4.74
C5 LDP C . -2.54 2.77 3.62
C3 LDP C . -4.16 0.80 3.24
O1 LDP C . -4.49 -0.29 2.49
O2 LDP C . -2.16 1.24 1.78
C8 LDP C . -5.43 4.57 6.61
N1 LDP C . -4.05 5.22 6.65
#